data_5ZYK
#
_entry.id   5ZYK
#
_cell.length_a   60.130
_cell.length_b   60.130
_cell.length_c   153.590
_cell.angle_alpha   90.000
_cell.angle_beta   90.000
_cell.angle_gamma   90.000
#
_symmetry.space_group_name_H-M   'P 41 21 2'
#
loop_
_entity.id
_entity.type
_entity.pdbx_description
1 polymer 'LIPID-TRANSFER PROTEIN CERT'
2 non-polymer 2-[4-[4-cyclopentyl-3-[(1~{S},2~{R})-2-pyridin-2-ylcyclopropyl]phenyl]phenyl]sulfonylethanol
3 water water
#
_entity_poly.entity_id   1
_entity_poly.type   'polypeptide(L)'
_entity_poly.pdbx_seq_one_letter_code
;GPTHRFVQKVEEMVQNHMTYSLQDVGGDANWQLVVEEGEMKVYRREVEENGIVLDPLKATHAVKGVTGHEVCNYFWNVDV
RNDWETTIENFHVVETLADNAIIIYQTHKRVWPASQRDVLYLSVIRKIPALTENDPETWIVCNFSVDHDSAPLNNRCVRA
KINVAMICQTLVSPPEGNQEISRDNILCKITYVANVNPGGWAPASVLRAVAKREYPKFLKRFTSYVQEKTAGKPILF
;
_entity_poly.pdbx_strand_id   A
#
loop_
_chem_comp.id
_chem_comp.type
_chem_comp.name
_chem_comp.formula
9MC non-polymer 2-[4-[4-cyclopentyl-3-[(1~{S},2~{R})-2-pyridin-2-ylcyclopropyl]phenyl]phenyl]sulfonylethanol 'C27 H29 N O3 S'
#
# COMPACT_ATOMS: atom_id res chain seq x y z
N THR A 3 17.01 -3.63 -17.40
CA THR A 3 17.73 -2.51 -16.79
C THR A 3 18.15 -2.85 -15.36
N HIS A 4 17.34 -3.65 -14.65
CA HIS A 4 17.79 -4.29 -13.42
C HIS A 4 17.18 -5.69 -13.38
N ARG A 5 17.60 -6.51 -12.41
CA ARG A 5 17.33 -7.93 -12.39
C ARG A 5 15.90 -8.24 -11.98
N PHE A 6 15.16 -7.22 -11.53
CA PHE A 6 13.78 -7.48 -11.10
C PHE A 6 12.75 -6.88 -12.06
N VAL A 7 13.14 -6.42 -13.27
CA VAL A 7 12.19 -5.82 -14.19
C VAL A 7 11.06 -6.81 -14.52
N GLN A 8 11.37 -8.07 -14.84
CA GLN A 8 10.32 -9.04 -15.16
C GLN A 8 9.35 -9.31 -13.97
N LYS A 9 9.92 -9.54 -12.79
CA LYS A 9 9.18 -9.75 -11.55
C LYS A 9 8.27 -8.53 -11.31
N VAL A 10 8.81 -7.32 -11.45
CA VAL A 10 7.97 -6.14 -11.23
C VAL A 10 6.79 -6.15 -12.19
N GLU A 11 7.03 -6.48 -13.49
CA GLU A 11 5.95 -6.44 -14.47
C GLU A 11 4.89 -7.47 -14.08
N GLU A 12 5.30 -8.66 -13.63
CA GLU A 12 4.35 -9.68 -13.24
C GLU A 12 3.51 -9.18 -12.07
N MET A 13 4.18 -8.59 -11.07
CA MET A 13 3.45 -8.25 -9.85
C MET A 13 2.47 -7.11 -10.17
N VAL A 14 2.90 -6.11 -10.91
CA VAL A 14 2.03 -5.01 -11.29
C VAL A 14 0.85 -5.50 -12.13
N GLN A 15 1.11 -6.34 -13.15
CA GLN A 15 0.02 -6.81 -14.00
C GLN A 15 -0.95 -7.67 -13.21
N ASN A 16 -0.47 -8.41 -12.18
CA ASN A 16 -1.38 -9.22 -11.42
C ASN A 16 -2.36 -8.29 -10.69
N HIS A 17 -1.84 -7.21 -10.11
CA HIS A 17 -2.71 -6.25 -9.44
C HIS A 17 -3.68 -5.61 -10.43
N MET A 18 -3.18 -5.25 -11.63
CA MET A 18 -4.09 -4.61 -12.59
C MET A 18 -5.20 -5.58 -13.01
N THR A 19 -4.88 -6.90 -13.07
CA THR A 19 -5.86 -7.90 -13.52
C THR A 19 -6.84 -8.21 -12.41
N TYR A 20 -6.34 -8.33 -11.16
CA TYR A 20 -7.16 -8.94 -10.13
C TYR A 20 -7.51 -7.97 -9.00
N SER A 21 -6.69 -6.96 -8.72
CA SER A 21 -6.96 -6.22 -7.49
C SER A 21 -7.97 -5.09 -7.71
N LEU A 22 -8.19 -4.61 -8.95
CA LEU A 22 -9.15 -3.51 -9.15
C LEU A 22 -10.60 -3.96 -9.16
N GLN A 23 -10.87 -5.25 -9.30
CA GLN A 23 -12.27 -5.68 -9.37
C GLN A 23 -13.11 -5.14 -8.22
N ASP A 24 -14.37 -4.76 -8.49
CA ASP A 24 -15.29 -4.39 -7.41
C ASP A 24 -15.51 -5.57 -6.46
N VAL A 25 -15.69 -5.27 -5.16
CA VAL A 25 -16.12 -6.23 -4.16
C VAL A 25 -17.39 -5.79 -3.39
N GLY A 26 -18.00 -4.62 -3.69
CA GLY A 26 -19.30 -4.27 -3.12
C GLY A 26 -20.37 -5.35 -3.32
N GLY A 27 -20.37 -5.98 -4.50
CA GLY A 27 -21.33 -7.03 -4.78
C GLY A 27 -20.88 -8.44 -4.41
N ASP A 28 -19.69 -8.57 -3.79
CA ASP A 28 -19.03 -9.87 -3.63
C ASP A 28 -19.07 -10.35 -2.17
N ALA A 29 -19.94 -11.37 -1.90
CA ALA A 29 -20.15 -11.85 -0.54
C ALA A 29 -18.93 -12.60 -0.01
N ASN A 30 -17.96 -12.87 -0.91
CA ASN A 30 -16.72 -13.50 -0.48
C ASN A 30 -15.82 -12.53 0.28
N TRP A 31 -16.03 -11.21 0.12
CA TRP A 31 -15.31 -10.24 0.95
C TRP A 31 -16.19 -9.76 2.10
N GLN A 32 -15.61 -9.70 3.28
CA GLN A 32 -16.36 -9.21 4.43
C GLN A 32 -16.06 -7.72 4.54
N LEU A 33 -17.10 -6.87 4.60
CA LEU A 33 -16.92 -5.48 4.87
C LEU A 33 -16.75 -5.31 6.38
N VAL A 34 -15.54 -4.91 6.82
CA VAL A 34 -15.26 -4.88 8.23
C VAL A 34 -15.34 -3.51 8.89
N VAL A 35 -14.96 -2.43 8.13
CA VAL A 35 -15.04 -1.08 8.65
C VAL A 35 -15.50 -0.19 7.51
N GLU A 36 -16.46 0.72 7.81
CA GLU A 36 -16.79 1.75 6.85
C GLU A 36 -16.77 3.11 7.56
N GLU A 37 -16.05 4.07 6.95
CA GLU A 37 -16.04 5.44 7.41
C GLU A 37 -16.23 6.34 6.19
N GLY A 38 -17.49 6.67 5.89
CA GLY A 38 -17.79 7.45 4.68
C GLY A 38 -17.38 6.68 3.42
N GLU A 39 -16.54 7.31 2.58
CA GLU A 39 -16.14 6.66 1.33
C GLU A 39 -15.03 5.64 1.57
N MET A 40 -14.48 5.56 2.80
CA MET A 40 -13.48 4.52 3.08
C MET A 40 -14.18 3.21 3.45
N LYS A 41 -13.93 2.16 2.68
CA LYS A 41 -14.58 0.86 2.88
C LYS A 41 -13.45 -0.16 2.97
N VAL A 42 -13.37 -0.85 4.12
CA VAL A 42 -12.25 -1.77 4.36
C VAL A 42 -12.82 -3.18 4.46
N TYR A 43 -12.35 -4.10 3.63
CA TYR A 43 -12.83 -5.48 3.58
C TYR A 43 -11.69 -6.46 3.88
N ARG A 44 -12.07 -7.67 4.28
CA ARG A 44 -11.07 -8.73 4.41
C ARG A 44 -11.69 -10.08 4.15
N ARG A 45 -10.82 -11.07 3.92
CA ARG A 45 -11.22 -12.47 3.91
C ARG A 45 -10.51 -13.13 5.07
N GLU A 46 -11.14 -14.09 5.77
CA GLU A 46 -10.48 -14.74 6.89
C GLU A 46 -9.80 -16.01 6.37
N VAL A 47 -8.46 -15.97 6.34
CA VAL A 47 -7.69 -17.07 5.77
C VAL A 47 -6.58 -17.41 6.75
N GLU A 48 -6.37 -18.72 7.02
CA GLU A 48 -5.23 -19.11 7.83
C GLU A 48 -4.50 -20.23 7.11
N GLU A 49 -3.18 -20.25 7.19
CA GLU A 49 -2.32 -21.32 6.67
C GLU A 49 -1.44 -21.80 7.82
N ASN A 50 -1.59 -23.09 8.15
CA ASN A 50 -0.96 -23.62 9.37
C ASN A 50 -1.28 -22.77 10.61
N GLY A 51 -2.51 -22.35 10.75
CA GLY A 51 -2.95 -21.63 11.94
C GLY A 51 -2.42 -20.20 12.01
N ILE A 52 -1.78 -19.71 10.95
CA ILE A 52 -1.29 -18.34 10.95
C ILE A 52 -2.18 -17.51 10.02
N VAL A 53 -2.68 -16.38 10.55
CA VAL A 53 -3.58 -15.51 9.82
C VAL A 53 -2.86 -14.90 8.63
N LEU A 54 -3.50 -15.04 7.44
CA LEU A 54 -3.03 -14.41 6.21
C LEU A 54 -4.01 -13.33 5.73
N ASP A 55 -5.27 -13.35 6.22
CA ASP A 55 -6.36 -12.44 5.87
C ASP A 55 -5.97 -11.39 4.81
N PRO A 56 -6.25 -11.68 3.54
CA PRO A 56 -6.24 -10.65 2.51
C PRO A 56 -7.08 -9.45 2.89
N LEU A 57 -6.50 -8.25 2.72
CA LEU A 57 -7.18 -7.00 3.06
C LEU A 57 -7.34 -6.24 1.75
N LYS A 58 -8.55 -5.70 1.53
CA LYS A 58 -8.79 -4.83 0.37
C LYS A 58 -9.61 -3.62 0.82
N ALA A 59 -9.19 -2.40 0.45
CA ALA A 59 -9.97 -1.21 0.86
C ALA A 59 -10.14 -0.33 -0.36
N THR A 60 -11.26 0.36 -0.39
CA THR A 60 -11.45 1.44 -1.37
C THR A 60 -11.62 2.77 -0.64
N HIS A 61 -11.26 3.88 -1.32
CA HIS A 61 -11.46 5.19 -0.73
C HIS A 61 -11.53 6.18 -1.88
N ALA A 62 -12.12 7.35 -1.60
CA ALA A 62 -12.22 8.41 -2.63
C ALA A 62 -11.79 9.70 -1.95
N VAL A 63 -10.71 10.31 -2.45
CA VAL A 63 -10.04 11.40 -1.76
C VAL A 63 -10.21 12.65 -2.63
N LYS A 64 -10.90 13.68 -2.11
CA LYS A 64 -11.02 14.91 -2.88
C LYS A 64 -9.72 15.70 -2.93
N GLY A 65 -9.48 16.34 -4.09
CA GLY A 65 -8.50 17.39 -4.20
C GLY A 65 -7.05 16.98 -4.36
N VAL A 66 -6.79 15.69 -4.62
CA VAL A 66 -5.46 15.20 -4.88
C VAL A 66 -5.53 14.30 -6.11
N THR A 67 -4.38 14.16 -6.77
CA THR A 67 -4.32 13.21 -7.89
C THR A 67 -3.68 11.89 -7.48
N GLY A 68 -3.88 10.90 -8.34
CA GLY A 68 -3.25 9.60 -8.12
C GLY A 68 -1.72 9.71 -8.21
N HIS A 69 -1.22 10.56 -9.11
CA HIS A 69 0.23 10.72 -9.16
C HIS A 69 0.74 11.30 -7.85
N GLU A 70 0.02 12.26 -7.26
CA GLU A 70 0.42 12.83 -5.96
C GLU A 70 0.35 11.74 -4.87
N VAL A 71 -0.77 11.01 -4.78
CA VAL A 71 -0.90 10.02 -3.71
C VAL A 71 0.24 8.99 -3.83
N CYS A 72 0.49 8.50 -5.05
CA CYS A 72 1.54 7.48 -5.19
C CYS A 72 2.91 8.05 -4.90
N ASN A 73 3.17 9.30 -5.28
CA ASN A 73 4.46 9.87 -4.95
C ASN A 73 4.66 9.95 -3.44
N TYR A 74 3.66 10.39 -2.68
CA TYR A 74 3.80 10.52 -1.24
C TYR A 74 3.89 9.14 -0.57
N PHE A 75 3.19 8.13 -1.13
CA PHE A 75 3.29 6.79 -0.53
C PHE A 75 4.66 6.16 -0.81
N TRP A 76 5.27 6.47 -1.98
CA TRP A 76 6.51 5.80 -2.34
C TRP A 76 7.72 6.53 -1.74
N ASN A 77 7.67 7.87 -1.61
CA ASN A 77 8.87 8.66 -1.26
C ASN A 77 9.31 8.38 0.18
N VAL A 78 10.47 7.69 0.32
CA VAL A 78 10.91 7.37 1.67
C VAL A 78 11.20 8.64 2.49
N ASP A 79 11.44 9.78 1.84
CA ASP A 79 11.81 10.95 2.64
C ASP A 79 10.64 11.55 3.42
N VAL A 80 9.38 11.13 3.15
CA VAL A 80 8.25 11.65 3.91
C VAL A 80 7.60 10.54 4.76
N ARG A 81 8.21 9.35 4.79
CA ARG A 81 7.62 8.24 5.48
C ARG A 81 7.26 8.57 6.91
N ASN A 82 8.19 9.22 7.66
CA ASN A 82 8.01 9.45 9.08
C ASN A 82 6.88 10.43 9.32
N ASP A 83 6.45 11.16 8.29
CA ASP A 83 5.41 12.13 8.55
C ASP A 83 4.07 11.43 8.61
N TRP A 84 3.95 10.22 8.04
CA TRP A 84 2.63 9.59 8.13
C TRP A 84 2.64 8.19 8.77
N GLU A 85 3.77 7.45 8.70
CA GLU A 85 3.82 6.09 9.26
C GLU A 85 3.78 6.14 10.78
N THR A 86 3.07 5.22 11.42
CA THR A 86 3.06 5.21 12.88
C THR A 86 3.46 3.84 13.44
N THR A 87 3.72 2.84 12.58
CA THR A 87 4.03 1.54 13.14
C THR A 87 5.45 1.07 12.86
N ILE A 88 6.30 1.92 12.28
CA ILE A 88 7.65 1.52 11.90
C ILE A 88 8.58 1.89 13.04
N GLU A 89 9.46 0.97 13.40
CA GLU A 89 10.50 1.29 14.37
C GLU A 89 11.74 1.82 13.63
N ASN A 90 12.24 1.07 12.63
CA ASN A 90 13.46 1.43 11.90
C ASN A 90 13.23 1.10 10.41
N PHE A 91 14.08 1.69 9.59
N PHE A 91 13.75 1.90 9.47
CA PHE A 91 13.93 1.68 8.15
CA PHE A 91 13.86 1.46 8.07
C PHE A 91 15.32 1.87 7.55
C PHE A 91 15.20 1.89 7.48
N HIS A 92 15.65 1.08 6.53
CA HIS A 92 16.92 1.32 5.85
C HIS A 92 16.70 0.99 4.36
N VAL A 93 17.15 1.91 3.48
CA VAL A 93 17.15 1.58 2.06
C VAL A 93 18.35 0.69 1.77
N VAL A 94 18.09 -0.51 1.30
CA VAL A 94 19.09 -1.55 1.07
C VAL A 94 19.71 -1.39 -0.32
N GLU A 95 18.90 -1.07 -1.35
CA GLU A 95 19.45 -1.04 -2.71
C GLU A 95 18.62 -0.07 -3.54
N THR A 96 19.25 0.73 -4.39
CA THR A 96 18.52 1.47 -5.42
C THR A 96 18.60 0.73 -6.74
N LEU A 97 17.45 0.35 -7.33
CA LEU A 97 17.41 -0.40 -8.57
C LEU A 97 17.20 0.56 -9.76
N ALA A 98 16.41 1.63 -9.58
CA ALA A 98 16.05 2.57 -10.66
C ALA A 98 15.44 3.81 -10.00
N ASP A 99 15.22 4.89 -10.77
CA ASP A 99 14.62 6.09 -10.20
C ASP A 99 13.22 5.81 -9.64
N ASN A 100 12.63 4.65 -10.01
CA ASN A 100 11.29 4.35 -9.51
C ASN A 100 11.23 3.05 -8.74
N ALA A 101 12.35 2.49 -8.29
CA ALA A 101 12.34 1.16 -7.66
C ALA A 101 13.50 1.05 -6.68
N ILE A 102 13.21 0.73 -5.43
CA ILE A 102 14.19 0.55 -4.38
C ILE A 102 13.85 -0.72 -3.59
N ILE A 103 14.84 -1.24 -2.85
CA ILE A 103 14.59 -2.32 -1.89
C ILE A 103 14.79 -1.77 -0.49
N ILE A 104 13.82 -2.05 0.42
CA ILE A 104 13.80 -1.50 1.77
C ILE A 104 13.77 -2.63 2.79
N TYR A 105 14.48 -2.37 3.91
CA TYR A 105 14.35 -3.19 5.12
C TYR A 105 13.65 -2.35 6.18
N GLN A 106 12.66 -2.93 6.89
CA GLN A 106 12.04 -2.14 7.97
C GLN A 106 11.60 -3.09 9.09
N THR A 107 11.53 -2.51 10.29
CA THR A 107 10.98 -3.25 11.42
C THR A 107 9.70 -2.58 11.89
N HIS A 108 8.73 -3.40 12.30
CA HIS A 108 7.50 -2.85 12.84
C HIS A 108 7.51 -2.86 14.34
N LYS A 109 6.79 -1.91 14.93
CA LYS A 109 6.61 -2.00 16.37
C LYS A 109 5.98 -3.33 16.80
N ARG A 110 6.44 -3.83 17.95
CA ARG A 110 6.00 -5.15 18.39
C ARG A 110 4.50 -5.14 18.69
N VAL A 111 3.78 -6.20 18.25
CA VAL A 111 2.38 -6.45 18.58
C VAL A 111 2.38 -7.59 19.61
N TRP A 112 2.16 -7.22 20.88
CA TRP A 112 2.17 -8.19 21.96
C TRP A 112 1.02 -9.18 21.75
N PRO A 113 1.25 -10.46 22.04
CA PRO A 113 2.42 -11.07 22.66
C PRO A 113 3.39 -11.72 21.64
N ALA A 114 3.18 -11.48 20.34
CA ALA A 114 4.03 -12.09 19.32
C ALA A 114 5.39 -11.36 19.25
N SER A 115 6.34 -12.08 18.65
CA SER A 115 7.62 -11.49 18.38
C SER A 115 7.47 -10.29 17.44
N GLN A 116 8.38 -9.32 17.56
CA GLN A 116 8.44 -8.23 16.58
C GLN A 116 8.69 -8.82 15.19
N ARG A 117 8.13 -8.15 14.16
CA ARG A 117 8.34 -8.52 12.76
C ARG A 117 9.27 -7.51 12.05
N ASP A 118 10.03 -8.06 11.08
CA ASP A 118 10.67 -7.20 10.09
C ASP A 118 10.27 -7.62 8.68
N VAL A 119 10.63 -6.81 7.67
CA VAL A 119 10.14 -7.00 6.32
C VAL A 119 11.26 -6.54 5.37
N LEU A 120 11.38 -7.21 4.21
CA LEU A 120 12.41 -6.81 3.24
C LEU A 120 11.74 -6.88 1.88
N TYR A 121 11.53 -5.68 1.29
CA TYR A 121 10.66 -5.64 0.11
C TYR A 121 11.13 -4.69 -0.97
N LEU A 122 10.71 -4.97 -2.21
CA LEU A 122 10.94 -4.05 -3.33
C LEU A 122 9.73 -3.12 -3.34
N SER A 123 9.99 -1.82 -3.53
CA SER A 123 8.95 -0.79 -3.62
C SER A 123 9.07 -0.12 -4.97
N VAL A 124 8.04 -0.19 -5.80
CA VAL A 124 8.09 0.37 -7.15
C VAL A 124 6.88 1.24 -7.45
N ILE A 125 7.11 2.37 -8.13
CA ILE A 125 6.04 3.28 -8.55
C ILE A 125 5.97 3.29 -10.07
N ARG A 126 4.77 3.09 -10.63
CA ARG A 126 4.57 2.95 -12.08
C ARG A 126 3.31 3.70 -12.51
N LYS A 127 3.33 4.26 -13.73
CA LYS A 127 2.14 4.75 -14.41
C LYS A 127 1.72 3.71 -15.45
N ILE A 128 0.46 3.27 -15.39
CA ILE A 128 -0.04 2.26 -16.32
C ILE A 128 -1.00 2.98 -17.26
N PRO A 129 -0.72 3.03 -18.58
CA PRO A 129 -1.62 3.69 -19.51
C PRO A 129 -2.97 3.02 -19.57
N ALA A 130 -3.97 3.82 -19.91
CA ALA A 130 -5.35 3.40 -20.07
C ALA A 130 -5.46 2.23 -21.03
N LEU A 131 -6.19 1.18 -20.62
CA LEU A 131 -6.19 -0.08 -21.34
C LEU A 131 -6.94 0.08 -22.67
N THR A 132 -8.14 0.67 -22.62
CA THR A 132 -8.84 1.18 -23.79
C THR A 132 -8.99 2.69 -23.61
N GLU A 133 -9.18 3.43 -24.71
CA GLU A 133 -9.03 4.87 -24.71
C GLU A 133 -10.17 5.54 -23.95
N ASN A 134 -11.14 4.72 -23.50
CA ASN A 134 -12.28 5.20 -22.73
C ASN A 134 -11.94 5.15 -21.24
N ASP A 135 -10.80 4.54 -20.87
CA ASP A 135 -10.54 4.16 -19.49
C ASP A 135 -9.58 5.14 -18.85
N PRO A 136 -9.47 5.18 -17.49
CA PRO A 136 -8.47 6.05 -16.88
C PRO A 136 -7.08 5.48 -16.85
N GLU A 137 -6.12 6.39 -16.88
CA GLU A 137 -4.78 5.93 -16.50
C GLU A 137 -4.70 5.61 -15.01
N THR A 138 -3.74 4.75 -14.69
CA THR A 138 -3.56 4.28 -13.33
C THR A 138 -2.15 4.62 -12.86
N TRP A 139 -2.05 5.17 -11.63
CA TRP A 139 -0.77 5.20 -10.92
C TRP A 139 -0.79 4.12 -9.85
N ILE A 140 0.29 3.34 -9.71
CA ILE A 140 0.35 2.22 -8.78
C ILE A 140 1.68 2.23 -8.04
N VAL A 141 1.65 1.97 -6.73
CA VAL A 141 2.85 1.61 -5.98
C VAL A 141 2.65 0.18 -5.54
N CYS A 142 3.63 -0.69 -5.82
CA CYS A 142 3.59 -2.07 -5.34
C CYS A 142 4.78 -2.30 -4.41
N ASN A 143 4.53 -2.86 -3.21
CA ASN A 143 5.56 -3.20 -2.24
C ASN A 143 5.48 -4.71 -2.08
N PHE A 144 6.53 -5.45 -2.44
CA PHE A 144 6.43 -6.92 -2.37
C PHE A 144 7.77 -7.50 -1.90
N SER A 145 7.70 -8.49 -1.03
CA SER A 145 8.90 -9.10 -0.46
C SER A 145 9.80 -9.71 -1.53
N VAL A 146 11.10 -9.52 -1.26
CA VAL A 146 12.12 -10.17 -2.09
C VAL A 146 13.21 -10.64 -1.14
N ASP A 147 14.07 -11.53 -1.66
CA ASP A 147 15.27 -12.03 -1.00
CA ASP A 147 15.24 -11.91 -0.87
C ASP A 147 16.42 -11.05 -1.29
N HIS A 148 17.33 -10.84 -0.34
CA HIS A 148 18.51 -10.02 -0.58
C HIS A 148 19.61 -10.46 0.39
N ASP A 149 20.87 -10.44 -0.07
CA ASP A 149 22.03 -10.74 0.78
C ASP A 149 22.33 -9.68 1.85
N SER A 150 21.83 -8.45 1.72
CA SER A 150 22.21 -7.40 2.68
C SER A 150 21.11 -7.19 3.70
N ALA A 151 20.37 -8.29 3.82
CA ALA A 151 19.45 -8.53 4.89
C ALA A 151 20.22 -8.49 6.21
N PRO A 152 19.80 -7.57 7.04
CA PRO A 152 20.22 -7.41 8.45
C PRO A 152 20.03 -8.70 9.30
N LEU A 153 20.95 -9.12 10.19
CA LEU A 153 20.72 -10.07 11.28
C LEU A 153 19.95 -9.29 12.35
N ASN A 154 18.72 -9.71 12.69
CA ASN A 154 17.93 -9.02 13.70
C ASN A 154 17.24 -10.10 14.53
N ASN A 155 17.87 -10.56 15.61
CA ASN A 155 17.37 -11.76 16.32
C ASN A 155 16.07 -11.49 17.06
N ARG A 156 15.66 -10.24 17.25
CA ARG A 156 14.40 -9.89 17.92
C ARG A 156 13.21 -10.11 16.96
N CYS A 157 13.49 -10.24 15.64
CA CYS A 157 12.43 -10.17 14.64
C CYS A 157 12.22 -11.47 13.90
N VAL A 158 10.93 -11.81 13.66
CA VAL A 158 10.51 -12.83 12.69
C VAL A 158 10.24 -12.14 11.34
N ARG A 159 10.65 -12.74 10.21
CA ARG A 159 10.49 -12.10 8.90
C ARG A 159 9.08 -12.31 8.33
N ALA A 160 8.31 -11.19 8.27
CA ALA A 160 7.04 -11.26 7.55
C ALA A 160 7.29 -11.13 6.05
N LYS A 161 6.29 -11.48 5.25
CA LYS A 161 6.32 -11.29 3.81
C LYS A 161 5.07 -10.52 3.41
N ILE A 162 5.24 -9.61 2.47
CA ILE A 162 4.12 -8.72 2.10
C ILE A 162 3.95 -8.67 0.59
N ASN A 163 2.72 -8.44 0.16
CA ASN A 163 2.38 -8.01 -1.18
C ASN A 163 1.29 -6.95 -1.06
N VAL A 164 1.69 -5.71 -1.24
CA VAL A 164 0.80 -4.58 -1.00
C VAL A 164 0.77 -3.74 -2.28
N ALA A 165 -0.40 -3.18 -2.61
CA ALA A 165 -0.49 -2.23 -3.72
C ALA A 165 -1.38 -1.05 -3.34
N MET A 166 -0.96 0.15 -3.72
CA MET A 166 -1.78 1.35 -3.61
C MET A 166 -2.09 1.74 -5.04
N ILE A 167 -3.36 1.65 -5.50
CA ILE A 167 -3.72 1.75 -6.92
C ILE A 167 -4.68 2.93 -7.08
N CYS A 168 -4.33 3.89 -7.92
CA CYS A 168 -5.12 5.10 -7.97
C CYS A 168 -5.52 5.49 -9.39
N GLN A 169 -6.79 5.90 -9.52
CA GLN A 169 -7.32 6.42 -10.78
C GLN A 169 -7.97 7.76 -10.46
N THR A 170 -7.82 8.76 -11.35
CA THR A 170 -8.13 10.13 -11.00
C THR A 170 -9.19 10.65 -11.94
N LEU A 171 -10.26 11.18 -11.34
CA LEU A 171 -11.37 11.71 -12.14
C LEU A 171 -11.37 13.23 -12.03
N VAL A 172 -11.50 13.90 -13.20
CA VAL A 172 -11.44 15.36 -13.19
C VAL A 172 -12.62 15.94 -13.95
N SER A 173 -13.18 17.07 -13.44
CA SER A 173 -14.31 17.77 -14.05
C SER A 173 -13.81 18.94 -14.88
N ASN A 178 -9.05 27.78 -22.01
CA ASN A 178 -7.77 28.17 -21.42
C ASN A 178 -8.01 28.53 -19.95
N GLN A 179 -8.27 27.48 -19.15
CA GLN A 179 -8.46 27.54 -17.69
C GLN A 179 -8.04 26.21 -17.06
N GLU A 180 -7.17 26.32 -16.07
CA GLU A 180 -6.74 25.13 -15.34
C GLU A 180 -7.91 24.45 -14.62
N ILE A 181 -7.65 23.19 -14.26
CA ILE A 181 -8.58 22.48 -13.43
C ILE A 181 -8.25 22.81 -11.97
N SER A 182 -9.29 23.08 -11.16
CA SER A 182 -9.13 23.38 -9.74
C SER A 182 -9.05 22.07 -8.92
N ARG A 183 -8.38 22.09 -7.75
CA ARG A 183 -8.46 20.91 -6.89
C ARG A 183 -9.89 20.59 -6.44
N ASP A 184 -10.80 21.58 -6.46
CA ASP A 184 -12.21 21.37 -6.17
C ASP A 184 -12.81 20.35 -7.11
N ASN A 185 -12.21 20.17 -8.29
CA ASN A 185 -12.83 19.35 -9.30
C ASN A 185 -12.02 18.08 -9.58
N ILE A 186 -11.18 17.66 -8.61
CA ILE A 186 -10.42 16.44 -8.81
C ILE A 186 -10.77 15.45 -7.69
N LEU A 187 -10.85 14.16 -8.03
CA LEU A 187 -11.16 13.11 -7.05
C LEU A 187 -10.25 11.93 -7.34
N CYS A 188 -9.53 11.44 -6.32
CA CYS A 188 -8.66 10.27 -6.52
C CYS A 188 -9.35 9.02 -5.95
N LYS A 189 -9.59 8.06 -6.82
CA LYS A 189 -10.20 6.80 -6.44
C LYS A 189 -9.09 5.79 -6.10
N ILE A 190 -9.06 5.34 -4.83
CA ILE A 190 -7.99 4.45 -4.37
C ILE A 190 -8.51 3.04 -4.18
N THR A 191 -7.73 2.06 -4.64
CA THR A 191 -7.89 0.67 -4.20
C THR A 191 -6.58 0.27 -3.53
N TYR A 192 -6.65 -0.14 -2.26
CA TYR A 192 -5.47 -0.50 -1.49
C TYR A 192 -5.62 -1.98 -1.13
N VAL A 193 -4.61 -2.80 -1.47
CA VAL A 193 -4.67 -4.21 -1.11
C VAL A 193 -3.43 -4.57 -0.30
N ALA A 194 -3.61 -5.42 0.71
CA ALA A 194 -2.46 -5.84 1.53
C ALA A 194 -2.58 -7.34 1.84
N ASN A 195 -1.59 -8.13 1.39
CA ASN A 195 -1.56 -9.54 1.72
C ASN A 195 -0.28 -9.76 2.54
N VAL A 196 -0.47 -9.94 3.83
CA VAL A 196 0.62 -9.99 4.80
C VAL A 196 0.70 -11.38 5.38
N ASN A 197 1.91 -11.99 5.28
CA ASN A 197 2.15 -13.27 5.92
C ASN A 197 3.06 -13.01 7.13
N PRO A 198 2.55 -13.18 8.36
CA PRO A 198 3.33 -12.88 9.55
C PRO A 198 4.59 -13.71 9.68
N GLY A 199 4.70 -14.82 8.97
CA GLY A 199 5.99 -15.51 8.90
C GLY A 199 6.24 -16.38 10.11
N GLY A 200 5.24 -16.57 10.97
CA GLY A 200 5.40 -17.51 12.07
C GLY A 200 4.23 -17.30 13.03
N TRP A 201 4.39 -17.81 14.25
CA TRP A 201 3.28 -17.82 15.19
C TRP A 201 2.79 -16.41 15.53
N ALA A 202 1.48 -16.26 15.60
CA ALA A 202 0.91 -15.08 16.21
C ALA A 202 -0.51 -15.43 16.56
N PRO A 203 -1.06 -14.93 17.66
CA PRO A 203 -2.44 -15.25 17.99
C PRO A 203 -3.40 -14.56 17.04
N ALA A 204 -4.33 -15.38 16.49
CA ALA A 204 -5.17 -14.89 15.42
C ALA A 204 -6.06 -13.73 15.90
N SER A 205 -6.66 -13.84 17.09
CA SER A 205 -7.61 -12.79 17.44
C SER A 205 -6.90 -11.44 17.63
N VAL A 206 -5.65 -11.44 18.11
CA VAL A 206 -4.91 -10.21 18.31
C VAL A 206 -4.57 -9.61 16.93
N LEU A 207 -4.07 -10.43 16.03
CA LEU A 207 -3.70 -9.92 14.70
C LEU A 207 -4.94 -9.33 14.03
N ARG A 208 -6.10 -10.00 14.21
CA ARG A 208 -7.28 -9.51 13.50
C ARG A 208 -7.79 -8.21 14.12
N ALA A 209 -7.66 -8.07 15.45
CA ALA A 209 -8.08 -6.82 16.06
C ALA A 209 -7.16 -5.67 15.65
N VAL A 210 -5.86 -5.95 15.52
CA VAL A 210 -4.88 -4.92 15.15
C VAL A 210 -5.13 -4.47 13.72
N ALA A 211 -5.40 -5.44 12.83
CA ALA A 211 -5.61 -5.06 11.44
C ALA A 211 -6.88 -4.19 11.35
N LYS A 212 -7.95 -4.60 12.06
CA LYS A 212 -9.21 -3.89 11.96
C LYS A 212 -9.10 -2.46 12.49
N ARG A 213 -8.23 -2.21 13.47
CA ARG A 213 -7.94 -0.83 13.90
C ARG A 213 -6.95 -0.09 12.98
N GLU A 214 -5.84 -0.74 12.64
CA GLU A 214 -4.71 0.02 12.08
C GLU A 214 -4.87 0.28 10.56
N TYR A 215 -5.54 -0.60 9.80
CA TYR A 215 -5.67 -0.27 8.37
C TYR A 215 -6.54 0.97 8.19
N PRO A 216 -7.70 1.13 8.85
CA PRO A 216 -8.46 2.37 8.66
C PRO A 216 -7.68 3.58 9.18
N LYS A 217 -6.96 3.42 10.30
CA LYS A 217 -6.21 4.55 10.84
C LYS A 217 -5.16 5.02 9.85
N PHE A 218 -4.48 4.05 9.21
CA PHE A 218 -3.50 4.39 8.19
C PHE A 218 -4.16 5.09 7.00
N LEU A 219 -5.24 4.52 6.48
CA LEU A 219 -5.82 5.12 5.29
C LEU A 219 -6.29 6.55 5.57
N LYS A 220 -6.84 6.78 6.75
CA LYS A 220 -7.32 8.11 7.08
C LYS A 220 -6.14 9.07 7.23
N ARG A 221 -5.10 8.65 7.98
CA ARG A 221 -4.00 9.55 8.28
C ARG A 221 -3.22 9.88 7.01
N PHE A 222 -2.90 8.82 6.22
CA PHE A 222 -2.12 9.00 4.99
C PHE A 222 -2.87 9.86 3.97
N THR A 223 -4.13 9.57 3.69
CA THR A 223 -4.83 10.39 2.70
C THR A 223 -4.99 11.82 3.17
N SER A 224 -5.29 12.05 4.46
CA SER A 224 -5.37 13.41 5.00
C SER A 224 -4.04 14.12 4.84
N TYR A 225 -2.93 13.40 5.06
CA TYR A 225 -1.61 13.98 4.94
C TYR A 225 -1.38 14.49 3.52
N VAL A 226 -1.73 13.64 2.52
CA VAL A 226 -1.54 14.08 1.14
C VAL A 226 -2.37 15.34 0.85
N GLN A 227 -3.64 15.35 1.29
CA GLN A 227 -4.46 16.55 1.10
C GLN A 227 -3.78 17.75 1.75
N GLU A 228 -3.23 17.58 2.96
CA GLU A 228 -2.68 18.74 3.67
CA GLU A 228 -2.66 18.70 3.70
C GLU A 228 -1.46 19.29 2.93
N LYS A 229 -0.60 18.40 2.41
CA LYS A 229 0.67 18.79 1.84
C LYS A 229 0.50 19.36 0.44
N THR A 230 -0.59 19.00 -0.24
CA THR A 230 -0.77 19.47 -1.60
C THR A 230 -1.62 20.75 -1.64
N ALA A 231 -2.38 21.05 -0.58
CA ALA A 231 -3.28 22.21 -0.60
C ALA A 231 -2.48 23.47 -1.00
N GLY A 232 -3.04 24.22 -1.94
CA GLY A 232 -2.34 25.46 -2.29
C GLY A 232 -1.03 25.27 -3.07
N LYS A 233 -0.73 24.06 -3.57
CA LYS A 233 0.41 23.87 -4.44
C LYS A 233 -0.15 23.50 -5.82
N PRO A 234 0.56 23.83 -6.90
CA PRO A 234 0.07 23.45 -8.22
C PRO A 234 -0.15 21.94 -8.30
N ILE A 235 -1.15 21.57 -9.08
CA ILE A 235 -1.46 20.14 -9.22
C ILE A 235 -0.38 19.44 -10.02
N LEU A 236 0.02 18.25 -9.55
CA LEU A 236 0.85 17.35 -10.33
C LEU A 236 -0.02 16.20 -10.84
N PHE A 237 -0.41 16.26 -12.10
CA PHE A 237 -1.23 15.19 -12.67
C PHE A 237 -0.39 13.98 -13.05
C2 9MC B . 2.46 -8.98 10.89
C12 9MC B . 1.45 -1.91 5.56
C13 9MC B . 5.04 0.68 4.09
C14 9MC B . 3.50 0.77 3.88
C15 9MC B . 2.56 -1.87 4.73
C17 9MC B . 2.32 -4.70 7.92
C18 9MC B . 1.07 -5.02 8.49
C19 9MC B . -0.48 -6.17 10.14
C20 9MC B . 0.89 -5.90 9.58
N1 9MC B . 0.16 -3.05 10.72
C5 9MC B . 2.65 -9.64 12.29
C6 9MC B . 2.05 -6.57 10.10
C7 9MC B . 3.31 -6.23 9.54
C9 9MC B . 2.38 -3.75 6.81
O3 9MC B . 1.20 -0.31 3.08
S1 9MC B . 2.62 -0.74 3.37
O2 9MC B . 3.47 -1.36 2.42
O1 9MC B . 5.19 0.10 5.36
C16 9MC B . 3.66 -2.76 4.95
C10 9MC B . 3.51 -3.68 6.04
C11 9MC B . 1.32 -2.83 6.61
C8 9MC B . 3.49 -5.36 8.44
C1 9MC B . 1.93 -7.58 11.26
C3 9MC B . 2.69 -7.18 12.56
C4 9MC B . 2.80 -8.54 13.32
C27 9MC B . -1.41 -4.99 10.47
C21 9MC B . -0.88 -5.88 11.57
C22 9MC B . -1.02 -3.53 10.23
C23 9MC B . -1.82 -2.67 9.41
C24 9MC B . -1.43 -1.35 9.13
C25 9MC B . -0.20 -0.84 9.63
C26 9MC B . 0.54 -1.78 10.37
#